data_5GVX
#
_entry.id   5GVX
#
_cell.length_a   41.669
_cell.length_b   89.069
_cell.length_c   105.480
_cell.angle_alpha   90.00
_cell.angle_beta   90.00
_cell.angle_gamma   90.00
#
_symmetry.space_group_name_H-M   'P 21 21 21'
#
loop_
_entity.id
_entity.type
_entity.pdbx_description
1 polymer 'Trehalose-phosphate phosphatase'
2 non-polymer 'MAGNESIUM ION'
3 water water
#
_entity_poly.entity_id   1
_entity_poly.type   'polypeptide(L)'
_entity_poly.pdbx_seq_one_letter_code
;MGSSHHHHHHSSGLVPRGSHMASMTGGQQMGRGSEFELVVRKLGPVTIDPRRHDAVLFDTTLDATQEMVRQLQEVGVGTG
VFGSGLDVPIVAAGRLAVRPGRCVVVSAHSAGVTAARESGFALIIGVDRTGCRDALRRDGADTVVTDLSEVSVRTGDRRM
SQLPDALQALGMADGLVARQPAVFFDFDGTLSDIVEDPDAAWLAPGALEALQKLAARCPIAVLSGRDLADVTQRVGLPGI
WYAGSHGFELTAPDGTHHQNDAAAAAIPVLKQAAAELRQQLGPFPGVVVEHKRFGVAVHYRNAARDRVGKVAAAVRTAEQ
RHALRVTTGREVIELRPDVDWDKGKTLLWVLDHLPHSGSAPLVPIYLGDDITDEDAFDVVGPHGVPIVVRHTDDGDRATA
ALFALDSPARVAEFTDRLARQLREAPLRAT
;
_entity_poly.pdbx_strand_id   A
#
# COMPACT_ATOMS: atom_id res chain seq x y z
N PHE A 36 3.87 -5.77 24.72
CA PHE A 36 3.08 -5.38 23.55
C PHE A 36 1.62 -5.77 23.69
N GLU A 37 0.74 -4.81 23.46
CA GLU A 37 -0.70 -5.08 23.41
C GLU A 37 -1.07 -5.72 22.05
N LEU A 38 -1.90 -6.77 22.08
CA LEU A 38 -2.29 -7.43 20.84
C LEU A 38 -3.58 -6.87 20.25
N VAL A 39 -3.49 -6.46 18.98
CA VAL A 39 -4.64 -5.95 18.27
C VAL A 39 -5.01 -7.00 17.20
N VAL A 40 -6.28 -7.42 17.18
CA VAL A 40 -6.71 -8.55 16.35
C VAL A 40 -7.35 -8.12 15.04
N ARG A 41 -6.58 -8.26 13.95
CA ARG A 41 -6.97 -7.81 12.61
C ARG A 41 -7.51 -6.39 12.64
N LYS A 42 -6.75 -5.51 13.27
CA LYS A 42 -7.09 -4.10 13.41
C LYS A 42 -5.79 -3.31 13.51
N LEU A 43 -5.88 -1.99 13.54
CA LEU A 43 -4.69 -1.15 13.59
C LEU A 43 -4.77 -0.14 14.74
N GLY A 44 -3.97 -0.35 15.77
CA GLY A 44 -3.91 0.57 16.88
C GLY A 44 -3.16 1.85 16.56
N PRO A 45 -2.88 2.67 17.58
CA PRO A 45 -2.10 3.90 17.42
C PRO A 45 -0.71 3.60 16.86
N VAL A 46 0.08 2.82 17.60
CA VAL A 46 1.35 2.33 17.09
C VAL A 46 1.28 0.82 16.91
N THR A 47 1.41 0.37 15.68
CA THR A 47 1.22 -1.03 15.37
C THR A 47 2.33 -1.62 14.50
N ILE A 48 2.99 -2.65 15.01
CA ILE A 48 3.79 -3.54 14.18
C ILE A 48 2.82 -4.37 13.34
N ASP A 49 2.92 -4.24 12.02
CA ASP A 49 2.01 -4.91 11.11
C ASP A 49 2.77 -5.89 10.21
N PRO A 50 2.67 -7.19 10.51
CA PRO A 50 3.37 -8.24 9.78
C PRO A 50 3.22 -8.11 8.26
N ARG A 51 2.06 -7.65 7.82
CA ARG A 51 1.83 -7.48 6.39
C ARG A 51 2.81 -6.46 5.81
N ARG A 52 3.23 -5.51 6.65
CA ARG A 52 4.10 -4.43 6.19
C ARG A 52 5.50 -4.52 6.79
N HIS A 53 5.63 -5.25 7.90
CA HIS A 53 6.86 -5.25 8.70
C HIS A 53 7.46 -6.65 8.89
N ASP A 54 8.64 -6.88 8.31
CA ASP A 54 9.29 -8.19 8.35
C ASP A 54 10.21 -8.34 9.56
N ALA A 55 10.65 -7.23 10.13
CA ALA A 55 11.50 -7.28 11.31
C ALA A 55 11.28 -6.08 12.22
N VAL A 56 11.68 -6.21 13.48
CA VAL A 56 11.76 -5.07 14.38
C VAL A 56 13.17 -4.99 14.97
N LEU A 57 13.83 -3.85 14.76
CA LEU A 57 15.17 -3.61 15.28
C LEU A 57 15.06 -2.83 16.58
N PHE A 58 15.44 -3.43 17.70
CA PHE A 58 15.36 -2.76 18.99
C PHE A 58 16.66 -2.08 19.36
N ASP A 59 16.57 -0.92 20.02
CA ASP A 59 17.73 -0.30 20.64
C ASP A 59 18.10 -1.11 21.87
N THR A 60 19.37 -1.53 21.96
CA THR A 60 19.86 -2.40 23.03
C THR A 60 19.62 -1.90 24.44
N THR A 61 19.64 -0.58 24.62
CA THR A 61 19.46 0.00 25.94
C THR A 61 18.02 -0.22 26.39
N LEU A 62 17.12 -0.36 25.43
CA LEU A 62 15.75 -0.72 25.75
C LEU A 62 15.74 -2.10 26.34
N ASP A 63 14.80 -2.34 27.23
CA ASP A 63 14.61 -3.67 27.77
C ASP A 63 13.31 -4.22 27.19
N ALA A 64 13.42 -4.70 25.95
CA ALA A 64 12.35 -5.38 25.29
C ALA A 64 12.20 -6.75 25.93
N THR A 65 11.07 -6.97 26.59
CA THR A 65 10.83 -8.22 27.30
C THR A 65 10.94 -9.41 26.36
N GLN A 66 11.13 -10.60 26.91
CA GLN A 66 11.11 -11.81 26.11
C GLN A 66 9.69 -12.00 25.56
N GLU A 67 8.74 -11.35 26.21
CA GLU A 67 7.32 -11.40 25.85
C GLU A 67 7.00 -10.66 24.56
N MET A 68 7.79 -9.63 24.23
CA MET A 68 7.56 -8.85 23.02
C MET A 68 8.19 -9.49 21.79
N VAL A 69 9.35 -10.09 21.99
CA VAL A 69 10.03 -10.84 20.94
C VAL A 69 9.26 -12.11 20.60
N ARG A 70 8.73 -12.79 21.63
CA ARG A 70 7.94 -13.99 21.40
C ARG A 70 6.67 -13.61 20.65
N GLN A 71 6.11 -12.45 20.96
CA GLN A 71 4.93 -11.95 20.27
C GLN A 71 5.19 -11.80 18.78
N LEU A 72 6.36 -11.27 18.44
CA LEU A 72 6.75 -11.07 17.06
C LEU A 72 7.11 -12.38 16.37
N GLN A 73 7.57 -13.35 17.16
CA GLN A 73 7.98 -14.64 16.63
C GLN A 73 6.78 -15.44 16.12
N GLU A 74 5.63 -15.29 16.78
CA GLU A 74 4.44 -16.04 16.38
C GLU A 74 3.82 -15.54 15.08
N VAL A 75 4.10 -14.28 14.76
CA VAL A 75 3.52 -13.67 13.57
C VAL A 75 4.59 -13.57 12.48
N GLY A 76 5.73 -14.22 12.72
CA GLY A 76 6.74 -14.41 11.71
C GLY A 76 7.64 -13.22 11.47
N VAL A 77 7.74 -12.35 12.46
CA VAL A 77 8.53 -11.14 12.35
C VAL A 77 9.86 -11.29 13.10
N GLY A 78 10.96 -11.05 12.39
CA GLY A 78 12.29 -11.17 12.98
C GLY A 78 12.62 -10.01 13.90
N THR A 79 13.56 -10.24 14.82
CA THR A 79 14.02 -9.18 15.70
C THR A 79 15.54 -9.10 15.69
N GLY A 80 16.05 -8.00 16.19
CA GLY A 80 17.48 -7.76 16.19
C GLY A 80 17.73 -6.52 17.00
N VAL A 81 19.00 -6.29 17.34
CA VAL A 81 19.35 -5.10 18.08
C VAL A 81 20.46 -4.34 17.39
N PHE A 82 20.40 -3.03 17.54
CA PHE A 82 21.39 -2.10 17.03
C PHE A 82 21.71 -1.19 18.19
N GLY A 83 22.69 -0.30 18.03
CA GLY A 83 22.85 0.78 18.99
C GLY A 83 24.25 1.07 19.51
N SER A 84 24.34 1.09 20.84
CA SER A 84 25.45 1.69 21.58
C SER A 84 26.69 0.90 21.12
N GLY A 85 27.45 1.47 20.20
CA GLY A 85 28.73 0.92 19.83
C GLY A 85 28.53 -0.37 19.07
N LEU A 86 27.29 -0.84 19.07
CA LEU A 86 26.93 -2.01 18.28
C LEU A 86 26.56 -1.56 16.89
N ASP A 87 25.84 -2.45 16.20
CA ASP A 87 25.35 -2.19 14.86
C ASP A 87 24.57 -0.89 14.73
N VAL A 88 24.69 -0.28 13.58
CA VAL A 88 23.87 0.85 13.20
C VAL A 88 22.67 0.26 12.44
N PRO A 89 21.46 0.84 12.63
CA PRO A 89 20.19 0.31 12.13
C PRO A 89 20.26 -0.41 10.78
N ILE A 90 20.85 0.22 9.77
CA ILE A 90 20.93 -0.36 8.44
C ILE A 90 21.76 -1.67 8.43
N VAL A 91 22.78 -1.73 9.28
CA VAL A 91 23.61 -2.93 9.41
C VAL A 91 22.84 -4.05 10.08
N ALA A 92 22.14 -3.72 11.16
CA ALA A 92 21.36 -4.70 11.91
C ALA A 92 20.25 -5.27 11.03
N ALA A 93 19.80 -4.46 10.08
CA ALA A 93 18.77 -4.88 9.13
C ALA A 93 19.34 -5.83 8.08
N GLY A 94 20.60 -5.61 7.73
CA GLY A 94 21.27 -6.46 6.76
C GLY A 94 21.49 -7.88 7.26
N ARG A 95 21.63 -8.03 8.58
CA ARG A 95 21.84 -9.35 9.16
C ARG A 95 20.56 -10.17 9.18
N LEU A 96 19.43 -9.51 8.99
CA LEU A 96 18.14 -10.18 8.97
C LEU A 96 17.64 -10.36 7.53
N ALA A 97 18.44 -9.90 6.58
CA ALA A 97 18.09 -9.92 5.16
C ALA A 97 16.75 -9.23 4.94
N VAL A 98 16.62 -8.02 5.49
CA VAL A 98 15.38 -7.24 5.40
C VAL A 98 15.67 -5.79 5.02
N ARG A 99 15.06 -5.33 3.92
CA ARG A 99 15.19 -3.93 3.50
C ARG A 99 14.59 -2.98 4.52
N PRO A 100 15.14 -1.76 4.64
CA PRO A 100 14.62 -0.76 5.57
C PRO A 100 13.14 -0.46 5.31
N GLY A 101 12.71 -0.57 4.06
CA GLY A 101 11.33 -0.32 3.69
C GLY A 101 10.34 -1.32 4.25
N ARG A 102 10.85 -2.41 4.82
CA ARG A 102 10.01 -3.45 5.40
C ARG A 102 10.34 -3.70 6.87
N CYS A 103 11.12 -2.78 7.45
CA CYS A 103 11.62 -2.96 8.80
C CYS A 103 11.16 -1.87 9.75
N VAL A 104 10.95 -2.24 11.01
CA VAL A 104 10.65 -1.27 12.05
C VAL A 104 11.86 -1.04 12.95
N VAL A 105 12.11 0.21 13.34
CA VAL A 105 13.16 0.52 14.29
C VAL A 105 12.53 1.08 15.56
N VAL A 106 12.99 0.60 16.72
CA VAL A 106 12.53 1.13 18.00
C VAL A 106 13.75 1.64 18.77
N SER A 107 13.78 2.94 19.03
CA SER A 107 15.01 3.54 19.57
C SER A 107 14.74 4.57 20.65
N ALA A 108 15.54 4.51 21.70
CA ALA A 108 15.42 5.44 22.82
C ALA A 108 16.44 6.56 22.69
N HIS A 109 17.28 6.50 21.67
CA HIS A 109 18.28 7.53 21.44
C HIS A 109 18.15 8.21 20.09
N SER A 110 18.64 9.44 20.02
CA SER A 110 18.50 10.28 18.84
C SER A 110 19.25 9.74 17.62
N ALA A 111 20.49 9.31 17.84
CA ALA A 111 21.31 8.77 16.76
C ALA A 111 20.59 7.66 16.02
N GLY A 112 20.00 6.74 16.77
CA GLY A 112 19.21 5.66 16.19
C GLY A 112 18.06 6.16 15.32
N VAL A 113 17.25 7.06 15.86
CA VAL A 113 16.11 7.61 15.13
C VAL A 113 16.55 8.28 13.82
N THR A 114 17.54 9.17 13.91
CA THR A 114 18.05 9.87 12.74
C THR A 114 18.64 8.93 11.66
N ALA A 115 19.48 7.99 12.09
CA ALA A 115 20.12 7.07 11.16
C ALA A 115 19.09 6.15 10.49
N ALA A 116 18.05 5.82 11.23
CA ALA A 116 16.94 5.06 10.67
C ALA A 116 16.16 5.92 9.68
N ARG A 117 16.17 7.23 9.90
CA ARG A 117 15.46 8.14 9.02
C ARG A 117 16.17 8.34 7.69
N GLU A 118 17.49 8.53 7.71
CA GLU A 118 18.23 8.72 6.47
C GLU A 118 18.35 7.42 5.68
N SER A 119 17.97 6.30 6.31
CA SER A 119 18.09 4.99 5.68
C SER A 119 16.75 4.49 5.17
N GLY A 120 15.73 5.33 5.31
CA GLY A 120 14.43 5.07 4.73
C GLY A 120 13.63 3.97 5.39
N PHE A 121 13.85 3.77 6.69
CA PHE A 121 13.13 2.75 7.43
C PHE A 121 11.62 3.00 7.44
N ALA A 122 10.85 1.92 7.40
CA ALA A 122 9.42 2.01 7.18
C ALA A 122 8.68 2.58 8.39
N LEU A 123 9.10 2.19 9.58
CA LEU A 123 8.49 2.67 10.83
C LEU A 123 9.56 2.88 11.88
N ILE A 124 9.61 4.09 12.42
CA ILE A 124 10.58 4.45 13.44
C ILE A 124 9.84 4.87 14.71
N ILE A 125 9.94 4.06 15.75
CA ILE A 125 9.28 4.37 17.01
C ILE A 125 10.30 4.91 17.99
N GLY A 126 10.14 6.16 18.39
CA GLY A 126 10.97 6.75 19.42
C GLY A 126 10.40 6.41 20.78
N VAL A 127 11.28 6.04 21.70
CA VAL A 127 10.88 5.73 23.06
C VAL A 127 11.34 6.81 24.00
N ASP A 128 10.37 7.59 24.47
CA ASP A 128 10.68 8.70 25.33
C ASP A 128 10.82 8.26 26.77
N ARG A 129 12.07 8.16 27.22
CA ARG A 129 12.41 7.83 28.59
C ARG A 129 13.13 9.02 29.24
N THR A 130 13.61 10.01 28.46
CA THR A 130 14.19 11.20 29.06
C THR A 130 13.46 12.48 28.66
N GLY A 131 12.21 12.38 28.24
CA GLY A 131 11.48 13.55 27.77
C GLY A 131 12.12 14.35 26.68
N CYS A 132 12.33 13.68 25.57
CA CYS A 132 12.96 14.23 24.40
C CYS A 132 12.01 13.92 23.25
N ARG A 133 10.73 13.94 23.61
CA ARG A 133 9.68 13.61 22.67
C ARG A 133 9.76 14.55 21.50
N ASP A 134 9.92 15.83 21.79
CA ASP A 134 10.07 16.82 20.73
C ASP A 134 11.37 16.60 19.98
N ALA A 135 12.46 16.44 20.71
CA ALA A 135 13.75 16.15 20.11
C ALA A 135 13.70 14.89 19.23
N LEU A 136 13.18 13.79 19.78
CA LEU A 136 13.09 12.52 19.03
C LEU A 136 12.27 12.66 17.74
N ARG A 137 11.20 13.44 17.81
CA ARG A 137 10.33 13.59 16.65
C ARG A 137 10.97 14.53 15.64
N ARG A 138 11.75 15.49 16.12
CA ARG A 138 12.56 16.31 15.25
C ARG A 138 13.61 15.46 14.54
N ASP A 139 14.12 14.43 15.22
CA ASP A 139 15.12 13.52 14.65
C ASP A 139 14.56 12.71 13.47
N GLY A 140 13.28 12.38 13.55
CA GLY A 140 12.64 11.63 12.49
C GLY A 140 11.71 10.54 12.96
N ALA A 141 11.38 10.53 14.24
CA ALA A 141 10.46 9.53 14.79
C ALA A 141 9.10 9.67 14.15
N ASP A 142 8.58 8.56 13.63
CA ASP A 142 7.24 8.55 13.05
C ASP A 142 6.23 8.78 14.15
N THR A 143 6.56 8.28 15.34
CA THR A 143 5.69 8.40 16.48
C THR A 143 6.51 8.12 17.73
N VAL A 144 6.08 8.66 18.87
CA VAL A 144 6.83 8.50 20.10
C VAL A 144 5.96 7.92 21.22
N VAL A 145 6.53 7.00 21.98
CA VAL A 145 5.85 6.41 23.12
C VAL A 145 6.72 6.56 24.35
N THR A 146 6.11 6.41 25.51
CA THR A 146 6.82 6.47 26.78
C THR A 146 7.34 5.11 27.16
N ASP A 147 6.54 4.11 26.87
CA ASP A 147 6.82 2.75 27.28
C ASP A 147 6.38 1.79 26.17
N LEU A 148 7.13 0.69 25.99
CA LEU A 148 6.92 -0.18 24.85
C LEU A 148 5.58 -0.94 24.90
N SER A 149 4.95 -0.99 26.08
CA SER A 149 3.64 -1.62 26.20
C SER A 149 2.55 -0.76 25.56
N GLU A 150 2.95 0.37 24.99
CA GLU A 150 2.05 1.23 24.23
C GLU A 150 2.08 0.80 22.78
N VAL A 151 3.00 -0.10 22.44
CA VAL A 151 3.16 -0.58 21.08
C VAL A 151 2.28 -1.81 20.87
N SER A 152 1.62 -1.87 19.71
CA SER A 152 0.74 -2.99 19.43
C SER A 152 1.24 -3.86 18.28
N VAL A 153 0.88 -5.13 18.31
CA VAL A 153 1.26 -6.04 17.22
C VAL A 153 0.00 -6.62 16.59
N ARG A 154 -0.11 -6.49 15.28
CA ARG A 154 -1.30 -6.98 14.58
C ARG A 154 -1.29 -8.49 14.44
N THR A 155 -2.38 -9.11 14.89
CA THR A 155 -2.55 -10.56 14.84
C THR A 155 -3.73 -10.88 13.92
N GLY A 156 -3.85 -12.15 13.52
CA GLY A 156 -5.03 -12.59 12.78
C GLY A 156 -4.81 -12.84 11.30
N ASP A 157 -3.93 -12.08 10.68
CA ASP A 157 -3.58 -12.30 9.29
C ASP A 157 -2.90 -13.65 9.11
N ARG A 158 -3.18 -14.29 7.98
CA ARG A 158 -2.50 -15.52 7.62
C ARG A 158 -1.49 -15.21 6.51
N ARG A 159 -0.48 -16.06 6.37
CA ARG A 159 0.44 -15.91 5.25
C ARG A 159 -0.22 -16.41 3.94
N MET A 160 0.11 -15.76 2.84
CA MET A 160 -0.48 -16.02 1.53
C MET A 160 -0.44 -17.49 1.15
N SER A 161 0.63 -18.17 1.56
CA SER A 161 0.74 -19.61 1.39
C SER A 161 -0.51 -20.35 1.85
N GLN A 162 -1.14 -19.88 2.90
CA GLN A 162 -1.86 -20.78 3.76
C GLN A 162 -3.30 -20.78 3.23
N LEU A 163 -3.57 -19.83 2.34
CA LEU A 163 -4.93 -19.51 1.95
C LEU A 163 -5.51 -20.49 0.94
N PRO A 164 -6.82 -20.74 1.07
CA PRO A 164 -7.58 -21.53 0.09
C PRO A 164 -7.71 -20.79 -1.24
N ASP A 165 -7.85 -21.54 -2.32
CA ASP A 165 -7.98 -20.94 -3.64
C ASP A 165 -9.38 -20.38 -3.92
N ALA A 166 -9.42 -19.24 -4.59
CA ALA A 166 -10.66 -18.54 -4.85
C ALA A 166 -11.51 -19.28 -5.88
N LEU A 167 -10.86 -19.74 -6.94
CA LEU A 167 -11.55 -20.51 -7.97
C LEU A 167 -12.19 -21.77 -7.41
N GLN A 168 -11.43 -22.49 -6.59
CA GLN A 168 -11.94 -23.70 -5.96
C GLN A 168 -13.10 -23.42 -5.00
N ALA A 169 -13.02 -22.31 -4.27
CA ALA A 169 -14.09 -21.93 -3.36
C ALA A 169 -15.34 -21.55 -4.14
N LEU A 170 -15.13 -20.81 -5.22
CA LEU A 170 -16.22 -20.35 -6.10
C LEU A 170 -17.05 -21.52 -6.66
N GLY A 171 -16.42 -22.68 -6.85
CA GLY A 171 -17.08 -23.84 -7.40
C GLY A 171 -17.53 -24.91 -6.41
N MET A 172 -17.49 -24.60 -5.12
CA MET A 172 -18.06 -25.49 -4.11
C MET A 172 -19.57 -25.34 -4.12
N ALA A 173 -20.25 -26.26 -3.43
CA ALA A 173 -21.71 -26.37 -3.50
C ALA A 173 -22.44 -25.04 -3.29
N ASP A 174 -21.92 -24.22 -2.38
CA ASP A 174 -22.63 -23.04 -1.95
C ASP A 174 -22.13 -21.77 -2.64
N GLY A 175 -21.16 -21.94 -3.54
CA GLY A 175 -20.62 -20.81 -4.29
C GLY A 175 -19.73 -19.94 -3.43
N LEU A 176 -19.34 -18.78 -3.94
CA LEU A 176 -18.46 -17.91 -3.17
C LEU A 176 -19.24 -16.92 -2.31
N VAL A 177 -20.22 -16.24 -2.90
CA VAL A 177 -21.02 -15.27 -2.13
C VAL A 177 -22.47 -15.72 -2.01
N ALA A 178 -23.04 -15.52 -0.82
CA ALA A 178 -24.44 -15.81 -0.56
C ALA A 178 -25.31 -14.66 -1.02
N ARG A 179 -24.88 -13.45 -0.70
CA ARG A 179 -25.63 -12.24 -1.02
C ARG A 179 -25.10 -11.60 -2.31
N GLN A 180 -25.89 -10.70 -2.89
CA GLN A 180 -25.54 -10.13 -4.19
C GLN A 180 -24.32 -9.21 -4.06
N PRO A 181 -23.35 -9.36 -4.99
CA PRO A 181 -22.07 -8.68 -4.86
C PRO A 181 -21.85 -7.45 -5.74
N ALA A 182 -20.84 -6.68 -5.37
CA ALA A 182 -20.22 -5.67 -6.23
C ALA A 182 -18.73 -6.00 -6.27
N VAL A 183 -18.13 -6.05 -7.45
CA VAL A 183 -16.76 -6.55 -7.55
C VAL A 183 -15.76 -5.42 -7.83
N PHE A 184 -14.64 -5.47 -7.11
CA PHE A 184 -13.62 -4.44 -7.14
C PHE A 184 -12.29 -5.03 -7.61
N PHE A 185 -11.58 -4.34 -8.49
CA PHE A 185 -10.30 -4.83 -8.99
C PHE A 185 -9.20 -3.79 -8.80
N ASP A 186 -8.04 -4.22 -8.34
CA ASP A 186 -6.85 -3.42 -8.53
C ASP A 186 -6.44 -3.63 -9.99
N PHE A 187 -5.75 -2.67 -10.61
CA PHE A 187 -5.41 -2.84 -12.01
C PHE A 187 -4.04 -3.51 -12.20
N ASP A 188 -2.98 -2.80 -11.84
CA ASP A 188 -1.61 -3.30 -12.02
C ASP A 188 -1.26 -4.44 -11.06
N GLY A 189 -0.92 -5.59 -11.62
CA GLY A 189 -0.55 -6.75 -10.82
C GLY A 189 -1.72 -7.69 -10.61
N THR A 190 -2.93 -7.19 -10.86
CA THR A 190 -4.14 -8.00 -10.68
C THR A 190 -4.83 -8.29 -12.01
N LEU A 191 -5.47 -7.27 -12.60
CA LEU A 191 -6.06 -7.40 -13.93
C LEU A 191 -4.97 -7.41 -15.00
N SER A 192 -3.91 -6.65 -14.75
CA SER A 192 -2.82 -6.53 -15.71
C SER A 192 -1.55 -7.15 -15.16
N ASP A 193 -0.86 -7.92 -16.01
CA ASP A 193 0.38 -8.55 -15.61
C ASP A 193 1.44 -7.50 -15.33
N ILE A 194 2.19 -7.67 -14.25
CA ILE A 194 3.25 -6.74 -13.88
C ILE A 194 4.23 -6.57 -15.03
N VAL A 195 4.68 -5.33 -15.21
CA VAL A 195 5.60 -4.96 -16.28
C VAL A 195 6.53 -3.88 -15.75
N GLU A 196 7.75 -3.80 -16.28
CA GLU A 196 8.69 -2.80 -15.81
C GLU A 196 8.52 -1.49 -16.56
N ASP A 197 7.82 -1.54 -17.69
CA ASP A 197 7.44 -0.33 -18.41
C ASP A 197 5.97 -0.04 -18.16
N PRO A 198 5.69 0.95 -17.31
CA PRO A 198 4.31 1.33 -16.91
C PRO A 198 3.39 1.46 -18.12
N ASP A 199 3.90 2.10 -19.18
CA ASP A 199 3.14 2.28 -20.41
C ASP A 199 2.85 0.98 -21.15
N ALA A 200 3.53 -0.09 -20.74
CA ALA A 200 3.37 -1.40 -21.36
C ALA A 200 2.45 -2.34 -20.55
N ALA A 201 1.67 -1.77 -19.64
CA ALA A 201 0.70 -2.54 -18.89
C ALA A 201 -0.61 -2.65 -19.67
N TRP A 202 -1.03 -3.88 -19.94
CA TRP A 202 -2.27 -4.12 -20.67
C TRP A 202 -3.10 -5.18 -19.96
N LEU A 203 -4.40 -5.20 -20.27
CA LEU A 203 -5.30 -6.22 -19.72
C LEU A 203 -4.76 -7.61 -20.05
N ALA A 204 -4.69 -8.47 -19.04
CA ALA A 204 -4.23 -9.83 -19.24
C ALA A 204 -5.18 -10.54 -20.20
N PRO A 205 -4.68 -11.54 -20.95
CA PRO A 205 -5.53 -12.23 -21.94
C PRO A 205 -6.86 -12.75 -21.34
N GLY A 206 -7.97 -12.39 -21.98
CA GLY A 206 -9.28 -12.85 -21.55
C GLY A 206 -10.00 -11.94 -20.56
N ALA A 207 -9.27 -11.00 -19.97
CA ALA A 207 -9.81 -10.17 -18.91
C ALA A 207 -10.82 -9.14 -19.42
N LEU A 208 -10.76 -8.80 -20.70
CA LEU A 208 -11.71 -7.84 -21.27
C LEU A 208 -13.09 -8.47 -21.48
N GLU A 209 -13.12 -9.63 -22.13
CA GLU A 209 -14.37 -10.37 -22.34
C GLU A 209 -14.97 -10.75 -21.00
N ALA A 210 -14.11 -11.06 -20.04
CA ALA A 210 -14.56 -11.48 -18.72
C ALA A 210 -15.23 -10.33 -17.98
N LEU A 211 -14.58 -9.16 -17.99
CA LEU A 211 -15.12 -7.98 -17.31
C LEU A 211 -16.41 -7.55 -17.99
N GLN A 212 -16.47 -7.75 -19.30
CA GLN A 212 -17.66 -7.43 -20.06
C GLN A 212 -18.84 -8.26 -19.58
N LYS A 213 -18.64 -9.56 -19.44
CA LYS A 213 -19.70 -10.44 -18.97
C LYS A 213 -20.14 -10.05 -17.55
N LEU A 214 -19.18 -9.93 -16.65
CA LEU A 214 -19.46 -9.61 -15.25
C LEU A 214 -20.18 -8.28 -15.08
N ALA A 215 -19.79 -7.30 -15.90
CA ALA A 215 -20.37 -5.97 -15.85
C ALA A 215 -21.87 -5.96 -16.19
N ALA A 216 -22.28 -6.92 -17.02
CA ALA A 216 -23.70 -7.08 -17.35
C ALA A 216 -24.46 -7.68 -16.17
N ARG A 217 -23.73 -8.13 -15.17
CA ARG A 217 -24.28 -8.96 -14.09
C ARG A 217 -24.26 -8.28 -12.72
N CYS A 218 -23.33 -7.33 -12.51
CA CYS A 218 -23.20 -6.63 -11.23
C CYS A 218 -22.29 -5.40 -11.40
N PRO A 219 -22.29 -4.49 -10.39
CA PRO A 219 -21.37 -3.34 -10.46
C PRO A 219 -19.90 -3.76 -10.38
N ILE A 220 -19.06 -3.16 -11.22
CA ILE A 220 -17.62 -3.42 -11.25
C ILE A 220 -16.86 -2.12 -10.98
N ALA A 221 -15.71 -2.22 -10.33
CA ALA A 221 -14.90 -1.04 -10.06
C ALA A 221 -13.42 -1.39 -10.17
N VAL A 222 -12.70 -0.66 -11.02
CA VAL A 222 -11.26 -0.85 -11.12
C VAL A 222 -10.53 0.28 -10.41
N LEU A 223 -9.57 -0.08 -9.55
CA LEU A 223 -8.79 0.87 -8.78
C LEU A 223 -7.34 0.92 -9.28
N SER A 224 -6.72 2.09 -9.17
CA SER A 224 -5.43 2.34 -9.76
C SER A 224 -4.81 3.62 -9.21
N GLY A 225 -3.48 3.71 -9.25
CA GLY A 225 -2.78 4.90 -8.80
C GLY A 225 -2.47 5.77 -9.99
N ARG A 226 -2.71 5.21 -11.17
CA ARG A 226 -2.56 5.94 -12.42
C ARG A 226 -3.60 7.05 -12.48
N ASP A 227 -3.39 8.01 -13.37
CA ASP A 227 -4.38 9.04 -13.60
C ASP A 227 -5.70 8.41 -14.03
N LEU A 228 -6.80 9.13 -13.80
CA LEU A 228 -8.12 8.61 -14.12
C LEU A 228 -8.21 8.24 -15.60
N ALA A 229 -7.59 9.05 -16.44
CA ALA A 229 -7.65 8.84 -17.89
C ALA A 229 -6.87 7.60 -18.32
N ASP A 230 -5.71 7.39 -17.72
CA ASP A 230 -4.87 6.27 -18.10
C ASP A 230 -5.55 4.93 -17.85
N VAL A 231 -6.00 4.69 -16.63
CA VAL A 231 -6.60 3.41 -16.29
C VAL A 231 -7.89 3.17 -17.09
N THR A 232 -8.65 4.24 -17.33
CA THR A 232 -9.88 4.15 -18.11
C THR A 232 -9.57 3.67 -19.51
N GLN A 233 -8.57 4.30 -20.14
CA GLN A 233 -8.14 3.89 -21.47
C GLN A 233 -7.65 2.44 -21.54
N ARG A 234 -6.91 2.01 -20.51
CA ARG A 234 -6.26 0.70 -20.53
C ARG A 234 -7.22 -0.48 -20.29
N VAL A 235 -8.20 -0.29 -19.43
CA VAL A 235 -9.26 -1.29 -19.29
C VAL A 235 -10.18 -1.16 -20.51
N GLY A 236 -10.47 0.08 -20.88
CA GLY A 236 -11.23 0.36 -22.08
C GLY A 236 -12.64 -0.17 -22.07
N LEU A 237 -13.25 -0.22 -20.89
CA LEU A 237 -14.58 -0.77 -20.73
C LEU A 237 -15.49 0.20 -20.00
N PRO A 238 -16.57 0.64 -20.65
CA PRO A 238 -17.48 1.63 -20.08
C PRO A 238 -18.62 1.04 -19.25
N GLY A 239 -19.37 1.91 -18.58
CA GLY A 239 -20.50 1.47 -17.78
C GLY A 239 -20.07 0.83 -16.47
N ILE A 240 -18.84 1.12 -16.05
CA ILE A 240 -18.34 0.67 -14.76
C ILE A 240 -17.69 1.84 -14.04
N TRP A 241 -17.26 1.59 -12.81
CA TRP A 241 -16.57 2.61 -12.03
C TRP A 241 -15.05 2.55 -12.22
N TYR A 242 -14.45 3.70 -12.48
CA TYR A 242 -13.00 3.82 -12.51
C TYR A 242 -12.54 4.72 -11.39
N ALA A 243 -11.64 4.22 -10.54
CA ALA A 243 -11.04 5.05 -9.50
C ALA A 243 -9.54 5.22 -9.75
N GLY A 244 -9.13 6.43 -10.14
CA GLY A 244 -7.73 6.71 -10.40
C GLY A 244 -7.10 7.61 -9.36
N SER A 245 -5.80 7.86 -9.51
CA SER A 245 -5.06 8.78 -8.66
C SER A 245 -5.22 8.44 -7.18
N HIS A 246 -5.15 7.14 -6.89
CA HIS A 246 -5.24 6.63 -5.53
C HIS A 246 -6.60 6.92 -4.86
N GLY A 247 -7.66 6.93 -5.67
CA GLY A 247 -9.00 7.11 -5.15
C GLY A 247 -9.41 8.54 -4.96
N PHE A 248 -8.56 9.47 -5.39
CA PHE A 248 -8.81 10.89 -5.20
C PHE A 248 -9.79 11.43 -6.25
N GLU A 249 -9.96 10.68 -7.34
CA GLU A 249 -10.95 11.04 -8.34
C GLU A 249 -11.48 9.79 -9.03
N LEU A 250 -12.79 9.73 -9.26
CA LEU A 250 -13.35 8.58 -9.96
C LEU A 250 -14.35 8.99 -11.02
N THR A 251 -14.68 8.06 -11.91
CA THR A 251 -15.79 8.24 -12.84
C THR A 251 -16.86 7.18 -12.56
N ALA A 252 -18.12 7.59 -12.50
CA ALA A 252 -19.22 6.63 -12.40
C ALA A 252 -19.50 6.04 -13.78
N PRO A 253 -20.37 5.01 -13.87
CA PRO A 253 -20.79 4.52 -15.17
C PRO A 253 -21.45 5.62 -16.01
N ASP A 254 -22.36 6.40 -15.43
CA ASP A 254 -23.01 7.47 -16.20
C ASP A 254 -22.03 8.60 -16.51
N GLY A 255 -20.77 8.45 -16.11
CA GLY A 255 -19.76 9.40 -16.51
C GLY A 255 -19.63 10.60 -15.59
N THR A 256 -20.40 10.61 -14.51
CA THR A 256 -20.23 11.62 -13.47
C THR A 256 -18.79 11.57 -12.93
N HIS A 257 -18.14 12.72 -12.87
CA HIS A 257 -16.82 12.83 -12.26
C HIS A 257 -16.98 13.07 -10.76
N HIS A 258 -16.13 12.46 -9.94
CA HIS A 258 -16.12 12.70 -8.49
C HIS A 258 -14.69 12.90 -8.07
N GLN A 259 -14.43 13.90 -7.25
CA GLN A 259 -13.08 14.10 -6.78
C GLN A 259 -13.04 14.51 -5.31
N ASN A 260 -12.03 14.00 -4.62
CA ASN A 260 -11.71 14.42 -3.28
C ASN A 260 -11.47 15.93 -3.30
N ASP A 261 -12.37 16.69 -2.67
CA ASP A 261 -12.28 18.14 -2.70
C ASP A 261 -10.97 18.63 -2.09
N ALA A 262 -10.70 18.22 -0.85
CA ALA A 262 -9.49 18.62 -0.14
C ALA A 262 -8.23 18.25 -0.91
N ALA A 263 -8.21 17.08 -1.53
CA ALA A 263 -7.06 16.67 -2.32
C ALA A 263 -6.93 17.52 -3.58
N ALA A 264 -8.05 17.94 -4.15
CA ALA A 264 -8.03 18.67 -5.42
C ALA A 264 -7.39 20.04 -5.24
N ALA A 265 -7.43 20.56 -4.02
CA ALA A 265 -6.85 21.87 -3.74
C ALA A 265 -5.32 21.86 -3.90
N ALA A 266 -4.73 20.67 -3.84
CA ALA A 266 -3.28 20.54 -3.93
C ALA A 266 -2.81 20.32 -5.35
N ILE A 267 -3.75 20.26 -6.28
CA ILE A 267 -3.40 20.10 -7.70
C ILE A 267 -2.52 21.24 -8.24
N PRO A 268 -2.88 22.51 -7.97
CA PRO A 268 -1.96 23.55 -8.48
C PRO A 268 -0.66 23.60 -7.70
N VAL A 269 -0.74 23.24 -6.42
CA VAL A 269 0.42 23.19 -5.56
C VAL A 269 1.47 22.24 -6.15
N LEU A 270 1.02 21.07 -6.58
CA LEU A 270 1.91 20.04 -7.10
C LEU A 270 2.50 20.43 -8.45
N LYS A 271 1.72 21.12 -9.27
CA LYS A 271 2.24 21.60 -10.56
C LYS A 271 3.36 22.61 -10.35
N GLN A 272 3.37 23.23 -9.19
CA GLN A 272 4.40 24.21 -8.88
C GLN A 272 5.63 23.51 -8.35
N ALA A 273 5.43 22.49 -7.52
CA ALA A 273 6.54 21.72 -7.01
C ALA A 273 7.26 21.04 -8.18
N ALA A 274 6.47 20.53 -9.13
CA ALA A 274 7.03 19.91 -10.32
C ALA A 274 7.87 20.91 -11.11
N ALA A 275 7.34 22.13 -11.25
CA ALA A 275 8.05 23.19 -11.95
C ALA A 275 9.34 23.53 -11.24
N GLU A 276 9.26 23.61 -9.91
CA GLU A 276 10.44 23.85 -9.09
C GLU A 276 11.45 22.73 -9.29
N LEU A 277 11.02 21.49 -9.01
CA LEU A 277 11.89 20.33 -9.04
C LEU A 277 12.59 20.12 -10.39
N ARG A 278 11.92 20.49 -11.48
CA ARG A 278 12.50 20.37 -12.81
C ARG A 278 13.68 21.33 -13.04
N GLN A 279 13.58 22.52 -12.47
CA GLN A 279 14.67 23.49 -12.56
C GLN A 279 15.82 23.12 -11.64
N GLN A 280 15.49 22.66 -10.43
CA GLN A 280 16.47 22.27 -9.44
C GLN A 280 17.25 21.03 -9.89
N LEU A 281 16.54 20.04 -10.40
CA LEU A 281 17.14 18.74 -10.74
C LEU A 281 17.35 18.55 -12.24
N GLY A 282 16.92 19.53 -13.03
CA GLY A 282 17.17 19.54 -14.47
C GLY A 282 18.61 19.33 -14.91
N PRO A 283 19.54 20.10 -14.32
CA PRO A 283 20.97 19.92 -14.57
C PRO A 283 21.50 18.50 -14.36
N PHE A 284 20.89 17.71 -13.51
CA PHE A 284 21.46 16.40 -13.21
C PHE A 284 20.77 15.29 -14.01
N PRO A 285 21.52 14.67 -14.94
CA PRO A 285 20.97 13.66 -15.84
C PRO A 285 20.63 12.36 -15.11
N GLY A 286 19.68 11.61 -15.65
CA GLY A 286 19.26 10.36 -15.02
C GLY A 286 18.18 10.56 -13.97
N VAL A 287 17.81 11.82 -13.76
CA VAL A 287 16.77 12.16 -12.82
C VAL A 287 15.55 12.73 -13.55
N VAL A 288 14.40 12.06 -13.38
CA VAL A 288 13.19 12.41 -14.10
C VAL A 288 12.08 12.94 -13.20
N VAL A 289 11.50 14.08 -13.57
CA VAL A 289 10.33 14.59 -12.86
C VAL A 289 9.07 14.28 -13.66
N GLU A 290 8.26 13.40 -13.09
CA GLU A 290 7.03 12.95 -13.72
C GLU A 290 5.86 13.57 -12.98
N HIS A 291 5.01 14.26 -13.72
CA HIS A 291 3.85 14.91 -13.11
C HIS A 291 2.54 14.24 -13.49
N LYS A 292 1.80 13.82 -12.46
CA LYS A 292 0.45 13.29 -12.61
C LYS A 292 -0.50 14.26 -11.90
N ARG A 293 -1.81 14.13 -12.13
CA ARG A 293 -2.73 15.15 -11.63
C ARG A 293 -2.69 15.29 -10.11
N PHE A 294 -2.50 14.18 -9.42
CA PHE A 294 -2.42 14.22 -7.96
C PHE A 294 -1.08 13.79 -7.40
N GLY A 295 0.01 14.09 -8.11
CA GLY A 295 1.31 13.72 -7.61
C GLY A 295 2.50 14.04 -8.49
N VAL A 296 3.64 14.28 -7.85
CA VAL A 296 4.92 14.39 -8.54
C VAL A 296 5.78 13.20 -8.15
N ALA A 297 6.31 12.49 -9.13
CA ALA A 297 7.23 11.39 -8.85
C ALA A 297 8.58 11.72 -9.48
N VAL A 298 9.63 11.57 -8.69
CA VAL A 298 10.98 11.87 -9.16
C VAL A 298 11.76 10.56 -9.29
N HIS A 299 11.96 10.13 -10.54
CA HIS A 299 12.66 8.87 -10.79
C HIS A 299 14.15 9.09 -10.84
N TYR A 300 14.88 8.26 -10.09
CA TYR A 300 16.33 8.40 -10.03
C TYR A 300 17.05 7.06 -10.21
N ARG A 301 16.46 6.17 -11.00
CA ARG A 301 17.10 4.91 -11.34
C ARG A 301 18.50 5.14 -11.95
N ASN A 302 18.57 6.06 -12.89
CA ASN A 302 19.83 6.37 -13.57
C ASN A 302 20.58 7.54 -12.94
N ALA A 303 20.33 7.83 -11.68
CA ALA A 303 21.08 8.92 -11.10
C ALA A 303 22.25 8.39 -10.35
N ALA A 304 23.34 9.10 -10.49
CA ALA A 304 24.56 8.80 -9.77
C ALA A 304 24.38 8.78 -8.23
N ARG A 305 25.30 8.12 -7.53
CA ARG A 305 25.46 8.27 -6.10
C ARG A 305 25.55 9.74 -5.81
N ASP A 306 25.06 10.15 -4.66
CA ASP A 306 25.24 11.52 -4.26
C ASP A 306 24.46 12.54 -5.08
N ARG A 307 23.56 12.12 -5.96
CA ARG A 307 22.45 12.97 -6.29
C ARG A 307 21.20 12.32 -5.70
N VAL A 308 21.33 11.08 -5.24
CA VAL A 308 20.23 10.44 -4.50
C VAL A 308 19.88 11.30 -3.29
N GLY A 309 20.91 11.67 -2.51
CA GLY A 309 20.71 12.57 -1.41
C GLY A 309 20.29 13.95 -1.87
N LYS A 310 20.64 14.26 -3.10
CA LYS A 310 20.36 15.58 -3.64
C LYS A 310 18.99 15.64 -4.28
N VAL A 311 18.59 14.53 -4.87
CA VAL A 311 17.23 14.35 -5.36
C VAL A 311 16.25 14.39 -4.18
N ALA A 312 16.60 13.68 -3.12
CA ALA A 312 15.81 13.65 -1.90
C ALA A 312 15.70 15.04 -1.26
N ALA A 313 16.84 15.70 -1.10
CA ALA A 313 16.89 17.02 -0.45
C ALA A 313 15.95 18.02 -1.12
N ALA A 314 15.89 17.94 -2.45
CA ALA A 314 15.04 18.84 -3.23
C ALA A 314 13.55 18.53 -3.04
N VAL A 315 13.21 17.26 -2.92
CA VAL A 315 11.81 16.85 -2.75
C VAL A 315 11.32 17.22 -1.34
N ARG A 316 12.23 17.11 -0.37
CA ARG A 316 11.92 17.48 1.00
C ARG A 316 11.86 19.00 1.17
N THR A 317 12.52 19.72 0.28
CA THR A 317 12.37 21.18 0.22
C THR A 317 11.03 21.51 -0.39
N ALA A 318 10.67 20.80 -1.46
CA ALA A 318 9.36 20.93 -2.07
C ALA A 318 8.27 20.57 -1.06
N GLU A 319 8.56 19.56 -0.25
CA GLU A 319 7.68 19.13 0.83
C GLU A 319 7.36 20.31 1.74
N GLN A 320 8.37 20.73 2.50
CA GLN A 320 8.28 21.83 3.45
C GLN A 320 7.55 23.02 2.91
N ARG A 321 7.91 23.38 1.68
CA ARG A 321 7.48 24.64 1.10
C ARG A 321 6.00 24.67 0.73
N HIS A 322 5.40 23.50 0.55
CA HIS A 322 4.06 23.42 -0.03
C HIS A 322 3.07 22.61 0.82
N ALA A 323 3.56 22.09 1.96
CA ALA A 323 2.76 21.27 2.87
C ALA A 323 2.26 20.01 2.19
N LEU A 324 3.18 19.30 1.51
CA LEU A 324 2.83 18.09 0.78
C LEU A 324 3.24 16.84 1.54
N ARG A 325 2.93 15.69 0.95
CA ARG A 325 3.25 14.41 1.57
C ARG A 325 4.21 13.61 0.72
N VAL A 326 5.36 13.30 1.31
CA VAL A 326 6.39 12.53 0.62
C VAL A 326 6.23 11.06 0.97
N THR A 327 6.27 10.20 -0.04
CA THR A 327 6.37 8.76 0.17
C THR A 327 7.39 8.21 -0.81
N THR A 328 8.09 7.15 -0.41
CA THR A 328 9.16 6.59 -1.22
C THR A 328 8.78 5.31 -1.95
N GLY A 329 9.17 5.24 -3.22
CA GLY A 329 9.16 4.01 -3.96
C GLY A 329 10.54 3.39 -3.81
N ARG A 330 10.87 2.44 -4.66
CA ARG A 330 12.17 1.80 -4.57
C ARG A 330 13.26 2.71 -5.14
N GLU A 331 12.99 3.30 -6.29
CA GLU A 331 13.92 4.27 -6.86
C GLU A 331 13.17 5.51 -7.29
N VAL A 332 12.15 5.86 -6.50
CA VAL A 332 11.35 7.06 -6.74
C VAL A 332 11.06 7.75 -5.41
N ILE A 333 10.98 9.08 -5.43
CA ILE A 333 10.36 9.81 -4.33
C ILE A 333 9.12 10.50 -4.86
N GLU A 334 8.01 10.38 -4.13
CA GLU A 334 6.73 10.91 -4.57
C GLU A 334 6.18 12.00 -3.64
N LEU A 335 5.61 13.05 -4.24
CA LEU A 335 4.89 14.07 -3.50
C LEU A 335 3.40 13.94 -3.80
N ARG A 336 2.59 13.84 -2.75
CA ARG A 336 1.16 13.64 -2.90
C ARG A 336 0.40 14.65 -2.05
N PRO A 337 -0.90 14.83 -2.31
CA PRO A 337 -1.67 15.73 -1.46
C PRO A 337 -1.63 15.27 -0.01
N ASP A 338 -1.58 16.20 0.93
CA ASP A 338 -1.51 15.82 2.33
C ASP A 338 -2.92 15.55 2.87
N VAL A 339 -3.56 14.53 2.32
CA VAL A 339 -4.92 14.15 2.71
C VAL A 339 -4.98 12.65 2.97
N ASP A 340 -5.42 12.27 4.18
CA ASP A 340 -5.60 10.86 4.50
C ASP A 340 -6.58 10.17 3.55
N TRP A 341 -6.16 9.03 3.01
CA TRP A 341 -7.02 8.22 2.15
C TRP A 341 -6.36 6.86 1.85
N ASP A 342 -7.19 5.84 1.65
CA ASP A 342 -6.70 4.53 1.26
C ASP A 342 -7.73 3.78 0.41
N LYS A 343 -7.39 2.57 -0.01
CA LYS A 343 -8.22 1.82 -0.93
C LYS A 343 -9.49 1.31 -0.26
N GLY A 344 -9.46 1.22 1.06
CA GLY A 344 -10.64 0.81 1.81
C GLY A 344 -11.71 1.89 1.78
N LYS A 345 -11.27 3.14 1.76
CA LYS A 345 -12.18 4.28 1.73
C LYS A 345 -12.79 4.45 0.35
N THR A 346 -12.00 4.19 -0.69
CA THR A 346 -12.53 4.13 -2.04
C THR A 346 -13.65 3.11 -2.08
N LEU A 347 -13.34 1.88 -1.66
CA LEU A 347 -14.30 0.77 -1.66
C LEU A 347 -15.58 1.14 -0.91
N LEU A 348 -15.42 1.70 0.29
CA LEU A 348 -16.57 2.02 1.12
C LEU A 348 -17.38 3.14 0.50
N TRP A 349 -16.69 4.03 -0.18
CA TRP A 349 -17.36 5.15 -0.82
C TRP A 349 -18.13 4.67 -2.03
N VAL A 350 -17.47 3.92 -2.91
CA VAL A 350 -18.13 3.40 -4.09
C VAL A 350 -19.37 2.60 -3.69
N LEU A 351 -19.23 1.78 -2.65
CA LEU A 351 -20.33 0.95 -2.15
C LEU A 351 -21.54 1.77 -1.73
N ASP A 352 -21.28 2.87 -1.04
CA ASP A 352 -22.33 3.73 -0.54
C ASP A 352 -23.16 4.31 -1.69
N HIS A 353 -22.59 4.32 -2.88
CA HIS A 353 -23.25 4.88 -4.05
C HIS A 353 -23.88 3.83 -4.96
N LEU A 354 -23.73 2.56 -4.60
CA LEU A 354 -24.30 1.49 -5.39
C LEU A 354 -25.72 1.19 -4.93
N PRO A 355 -26.64 0.97 -5.88
CA PRO A 355 -28.04 0.65 -5.58
C PRO A 355 -28.19 -0.76 -4.99
N HIS A 356 -29.26 -0.98 -4.23
CA HIS A 356 -29.61 -2.32 -3.74
C HIS A 356 -31.11 -2.45 -3.52
N PRO A 361 -25.81 -2.95 1.63
CA PRO A 361 -26.37 -4.28 1.35
C PRO A 361 -25.79 -4.94 0.10
N LEU A 362 -24.98 -4.25 -0.68
CA LEU A 362 -24.21 -4.93 -1.72
C LEU A 362 -22.94 -5.43 -1.08
N VAL A 363 -22.63 -6.70 -1.33
CA VAL A 363 -21.48 -7.32 -0.70
C VAL A 363 -20.25 -7.17 -1.62
N PRO A 364 -19.11 -6.75 -1.05
CA PRO A 364 -17.94 -6.54 -1.91
C PRO A 364 -17.05 -7.78 -2.06
N ILE A 365 -16.64 -8.00 -3.31
CA ILE A 365 -15.60 -8.93 -3.64
C ILE A 365 -14.41 -8.10 -4.09
N TYR A 366 -13.26 -8.23 -3.42
CA TYR A 366 -12.10 -7.39 -3.75
C TYR A 366 -10.86 -8.21 -4.12
N LEU A 367 -10.22 -7.84 -5.23
CA LEU A 367 -9.05 -8.55 -5.75
C LEU A 367 -7.85 -7.62 -5.84
N GLY A 368 -6.78 -7.96 -5.13
CA GLY A 368 -5.58 -7.12 -5.11
C GLY A 368 -4.28 -7.89 -5.15
N ASP A 369 -3.20 -7.20 -5.49
CA ASP A 369 -1.92 -7.82 -5.78
C ASP A 369 -0.85 -7.46 -4.74
N ASP A 370 -1.05 -6.36 -4.01
CA ASP A 370 0.03 -5.83 -3.19
C ASP A 370 -0.41 -5.22 -1.87
N ILE A 371 0.42 -4.30 -1.38
CA ILE A 371 0.34 -3.80 -0.01
C ILE A 371 -0.80 -2.79 0.20
N THR A 372 -1.04 -1.93 -0.79
CA THR A 372 -2.09 -0.94 -0.69
C THR A 372 -3.45 -1.62 -0.66
N ASP A 373 -3.50 -2.84 -1.16
CA ASP A 373 -4.78 -3.52 -1.25
C ASP A 373 -5.21 -4.09 0.09
N GLU A 374 -4.29 -4.06 1.06
CA GLU A 374 -4.59 -4.58 2.39
C GLU A 374 -5.62 -3.71 3.11
N ASP A 375 -5.63 -2.42 2.77
CA ASP A 375 -6.61 -1.49 3.33
C ASP A 375 -8.03 -1.83 2.90
N ALA A 376 -8.15 -2.41 1.71
CA ALA A 376 -9.44 -2.80 1.17
C ALA A 376 -9.87 -4.18 1.66
N PHE A 377 -8.92 -5.07 1.91
CA PHE A 377 -9.25 -6.38 2.46
C PHE A 377 -9.89 -6.21 3.83
N ASP A 378 -9.46 -5.17 4.54
CA ASP A 378 -9.82 -5.00 5.94
C ASP A 378 -11.24 -4.48 6.16
N VAL A 379 -11.90 -4.05 5.08
CA VAL A 379 -13.23 -3.44 5.22
C VAL A 379 -14.31 -4.05 4.32
N VAL A 380 -14.12 -5.30 3.90
CA VAL A 380 -15.10 -5.95 3.02
C VAL A 380 -16.33 -6.43 3.81
N GLY A 381 -16.21 -6.46 5.14
CA GLY A 381 -17.31 -6.86 5.99
C GLY A 381 -17.45 -8.37 6.12
N PRO A 382 -18.31 -8.82 7.04
CA PRO A 382 -18.46 -10.24 7.38
C PRO A 382 -18.88 -11.16 6.23
N HIS A 383 -19.38 -10.61 5.12
CA HIS A 383 -19.78 -11.44 3.98
C HIS A 383 -18.95 -11.14 2.74
N GLY A 384 -18.15 -10.09 2.81
CA GLY A 384 -17.26 -9.73 1.70
C GLY A 384 -16.14 -10.74 1.51
N VAL A 385 -15.61 -10.79 0.30
CA VAL A 385 -14.57 -11.73 -0.07
C VAL A 385 -13.32 -10.99 -0.53
N PRO A 386 -12.27 -11.03 0.29
CA PRO A 386 -11.02 -10.39 -0.11
C PRO A 386 -10.08 -11.40 -0.76
N ILE A 387 -9.65 -11.14 -1.98
CA ILE A 387 -8.79 -12.10 -2.67
C ILE A 387 -7.45 -11.48 -3.03
N VAL A 388 -6.37 -12.19 -2.73
CA VAL A 388 -5.05 -11.69 -3.09
C VAL A 388 -4.46 -12.46 -4.26
N VAL A 389 -3.91 -11.72 -5.22
CA VAL A 389 -3.25 -12.32 -6.37
C VAL A 389 -1.80 -12.57 -6.04
N ARG A 390 -1.37 -13.82 -6.17
CA ARG A 390 -0.01 -14.18 -5.84
C ARG A 390 0.93 -14.00 -7.01
N HIS A 391 2.14 -13.54 -6.72
CA HIS A 391 3.18 -13.46 -7.72
C HIS A 391 4.29 -14.41 -7.28
N THR A 392 5.25 -14.67 -8.15
CA THR A 392 6.31 -15.61 -7.82
C THR A 392 7.37 -14.94 -6.95
N ASP A 393 7.48 -13.62 -7.05
CA ASP A 393 8.50 -12.89 -6.32
C ASP A 393 7.92 -12.12 -5.14
N ASP A 394 6.77 -12.54 -4.62
CA ASP A 394 6.07 -11.76 -3.59
C ASP A 394 6.48 -12.13 -2.15
N GLY A 395 7.03 -13.32 -1.97
CA GLY A 395 7.70 -13.67 -0.72
C GLY A 395 6.87 -14.17 0.44
N ASP A 396 5.62 -14.54 0.16
CA ASP A 396 4.71 -15.11 1.15
C ASP A 396 4.40 -14.17 2.31
N ARG A 397 3.98 -12.95 1.97
CA ARG A 397 3.51 -11.95 2.93
C ARG A 397 2.33 -12.47 3.73
N ALA A 398 2.22 -12.01 4.97
CA ALA A 398 0.98 -12.13 5.74
C ALA A 398 -0.06 -11.22 5.10
N THR A 399 -1.33 -11.62 5.13
CA THR A 399 -2.38 -10.83 4.49
C THR A 399 -3.72 -10.96 5.20
N ALA A 400 -4.59 -9.98 4.96
CA ALA A 400 -5.94 -9.98 5.51
C ALA A 400 -6.92 -10.67 4.58
N ALA A 401 -6.45 -11.03 3.38
CA ALA A 401 -7.29 -11.66 2.38
C ALA A 401 -7.65 -13.09 2.79
N LEU A 402 -8.84 -13.53 2.38
CA LEU A 402 -9.30 -14.86 2.76
C LEU A 402 -8.97 -15.91 1.70
N PHE A 403 -8.80 -15.47 0.46
CA PHE A 403 -8.49 -16.43 -0.60
C PHE A 403 -7.32 -15.99 -1.45
N ALA A 404 -6.89 -16.86 -2.35
CA ALA A 404 -5.77 -16.56 -3.24
C ALA A 404 -6.07 -16.99 -4.68
N LEU A 405 -5.66 -16.17 -5.63
CA LEU A 405 -5.62 -16.56 -7.03
C LEU A 405 -4.14 -16.65 -7.41
N ASP A 406 -3.77 -17.68 -8.17
CA ASP A 406 -2.35 -18.03 -8.31
C ASP A 406 -1.52 -17.06 -9.14
N SER A 407 -2.16 -16.34 -10.06
CA SER A 407 -1.46 -15.39 -10.95
C SER A 407 -2.53 -14.52 -11.58
N PRO A 408 -2.12 -13.43 -12.28
CA PRO A 408 -3.12 -12.62 -13.00
C PRO A 408 -3.90 -13.39 -14.05
N ALA A 409 -3.38 -14.52 -14.54
CA ALA A 409 -4.10 -15.32 -15.53
C ALA A 409 -5.39 -15.90 -14.98
N ARG A 410 -5.38 -16.25 -13.69
CA ARG A 410 -6.55 -16.88 -13.08
C ARG A 410 -7.59 -15.84 -12.72
N VAL A 411 -7.18 -14.57 -12.76
CA VAL A 411 -8.10 -13.47 -12.45
C VAL A 411 -9.11 -13.35 -13.59
N ALA A 412 -8.66 -13.51 -14.82
CA ALA A 412 -9.56 -13.52 -15.97
C ALA A 412 -10.50 -14.74 -15.92
N GLU A 413 -9.98 -15.86 -15.42
CA GLU A 413 -10.76 -17.08 -15.29
C GLU A 413 -11.79 -16.96 -14.18
N PHE A 414 -11.36 -16.35 -13.08
CA PHE A 414 -12.24 -16.12 -11.94
C PHE A 414 -13.39 -15.21 -12.32
N THR A 415 -13.08 -14.18 -13.10
CA THR A 415 -14.06 -13.20 -13.53
C THR A 415 -15.11 -13.80 -14.44
N ASP A 416 -14.67 -14.67 -15.35
CA ASP A 416 -15.59 -15.32 -16.26
C ASP A 416 -16.57 -16.20 -15.51
N ARG A 417 -16.04 -17.09 -14.67
CA ARG A 417 -16.86 -18.01 -13.90
C ARG A 417 -17.76 -17.31 -12.90
N LEU A 418 -17.34 -16.16 -12.40
CA LEU A 418 -18.17 -15.41 -11.49
C LEU A 418 -19.39 -14.91 -12.25
N ALA A 419 -19.16 -14.32 -13.42
CA ALA A 419 -20.23 -13.82 -14.26
C ALA A 419 -21.19 -14.94 -14.66
N ARG A 420 -20.65 -16.14 -14.78
CA ARG A 420 -21.44 -17.31 -15.16
C ARG A 420 -22.23 -17.84 -13.96
N GLN A 421 -21.66 -17.71 -12.77
CA GLN A 421 -22.34 -18.18 -11.57
C GLN A 421 -23.43 -17.20 -11.12
N LEU A 422 -23.28 -15.93 -11.48
CA LEU A 422 -24.30 -14.95 -11.15
C LEU A 422 -25.45 -15.00 -12.16
N ARG A 423 -25.15 -15.32 -13.41
CA ARG A 423 -26.17 -15.55 -14.43
C ARG A 423 -26.99 -16.79 -14.07
N GLU A 424 -26.34 -17.71 -13.35
CA GLU A 424 -27.00 -18.91 -12.82
C GLU A 424 -28.17 -18.53 -11.90
N ALA A 425 -27.97 -17.49 -11.10
CA ALA A 425 -28.99 -17.04 -10.16
C ALA A 425 -29.30 -15.56 -10.35
#